data_3PLC
#
_entry.id   3PLC
#
_cell.length_a   58.949
_cell.length_b   58.949
_cell.length_c   53.026
_cell.angle_alpha   90.000
_cell.angle_beta   90.000
_cell.angle_gamma   120.000
#
_symmetry.space_group_name_H-M   'P 31'
#
_entity_poly.entity_id   1
_entity_poly.type   'polypeptide(L)'
_entity_poly.pdbx_seq_one_letter_code
;RKCLNTPLPLIYTTCPIGQDKCVKMTIKKLPSKYDVIRGCIDICPKSSADVEVLCCDTNKCNK
;
_entity_poly.pdbx_strand_id   A,B,C
#
# COMPACT_ATOMS: atom_id res chain seq x y z
N ARG A 1 5.14 -6.13 27.78
CA ARG A 1 5.27 -6.77 26.43
C ARG A 1 4.45 -6.02 25.39
N LYS A 2 3.12 -5.97 25.60
CA LYS A 2 2.24 -5.16 24.73
C LYS A 2 1.74 -3.91 25.46
N CYS A 3 1.67 -2.78 24.78
CA CYS A 3 1.21 -1.54 25.42
C CYS A 3 0.35 -0.72 24.51
N LEU A 4 -0.62 0.02 25.07
CA LEU A 4 -1.36 1.02 24.28
C LEU A 4 -0.39 2.12 23.80
N ASN A 5 -0.65 2.60 22.59
CA ASN A 5 0.35 3.20 21.75
C ASN A 5 0.03 4.62 21.29
N THR A 6 -1.24 5.01 21.41
CA THR A 6 -1.78 6.17 20.74
C THR A 6 -2.77 6.82 21.70
N PRO A 7 -3.26 8.04 21.37
CA PRO A 7 -4.34 8.51 22.26
C PRO A 7 -5.63 7.71 22.11
N LEU A 8 -5.66 6.78 21.15
CA LEU A 8 -6.89 6.03 20.91
C LEU A 8 -6.93 4.77 21.81
N PRO A 9 -8.15 4.22 22.04
CA PRO A 9 -8.48 3.20 23.08
C PRO A 9 -7.98 1.75 22.95
N LEU A 10 -7.61 1.31 21.75
CA LEU A 10 -7.27 -0.13 21.59
C LEU A 10 -5.94 -0.39 20.93
N ILE A 11 -5.50 0.55 20.10
CA ILE A 11 -4.24 0.40 19.37
C ILE A 11 -3.04 0.14 20.28
N TYR A 12 -2.16 -0.76 19.85
CA TYR A 12 -0.98 -1.15 20.63
C TYR A 12 0.21 -1.48 19.75
N THR A 13 1.40 -1.55 20.36
CA THR A 13 2.56 -2.23 19.75
C THR A 13 3.08 -3.23 20.76
N THR A 14 3.88 -4.16 20.24
CA THR A 14 4.77 -4.97 21.06
C THR A 14 6.05 -4.17 21.29
N CYS A 15 6.54 -4.24 22.52
CA CYS A 15 7.68 -3.43 22.94
C CYS A 15 9.02 -4.04 22.53
N PRO A 16 10.05 -3.20 22.36
CA PRO A 16 11.42 -3.70 22.33
C PRO A 16 11.69 -4.55 23.57
N ILE A 17 12.40 -5.66 23.39
CA ILE A 17 12.87 -6.44 24.52
C ILE A 17 13.55 -5.46 25.46
N GLY A 18 13.26 -5.59 26.74
CA GLY A 18 13.83 -4.69 27.72
C GLY A 18 12.84 -3.64 28.17
N GLN A 19 11.75 -3.46 27.44
CA GLN A 19 10.75 -2.43 27.80
C GLN A 19 9.49 -3.09 28.33
N ASP A 20 9.53 -3.47 29.60
CA ASP A 20 8.54 -4.39 30.16
C ASP A 20 7.34 -3.67 30.77
N LYS A 21 7.28 -2.35 30.61
CA LYS A 21 6.27 -1.51 31.24
C LYS A 21 5.54 -0.57 30.25
N CYS A 22 4.38 -0.06 30.68
CA CYS A 22 3.52 0.72 29.81
C CYS A 22 3.26 1.99 30.56
N VAL A 23 3.04 3.07 29.82
CA VAL A 23 2.93 4.36 30.46
C VAL A 23 1.86 5.15 29.73
N LYS A 24 1.14 5.96 30.48
CA LYS A 24 0.14 6.90 29.98
C LYS A 24 0.61 8.15 30.60
N MET A 25 0.82 9.15 29.76
CA MET A 25 1.33 10.43 30.19
C MET A 25 0.26 11.47 29.83
N THR A 26 -0.06 12.37 30.74
CA THR A 26 -1.10 13.35 30.42
C THR A 26 -0.69 14.79 30.72
N ASP A 35 -2.75 17.00 26.53
CA ASP A 35 -2.59 15.86 25.63
C ASP A 35 -2.28 14.57 26.36
N VAL A 36 -2.59 13.45 25.70
CA VAL A 36 -2.34 12.08 26.17
C VAL A 36 -1.34 11.34 25.27
N ILE A 37 -0.25 10.83 25.86
CA ILE A 37 0.71 9.95 25.19
C ILE A 37 0.99 8.65 26.00
N ARG A 38 1.01 7.54 25.27
CA ARG A 38 1.08 6.19 25.80
C ARG A 38 2.14 5.46 25.02
N GLY A 39 2.80 4.49 25.63
CA GLY A 39 3.75 3.64 24.94
C GLY A 39 4.54 2.74 25.87
N CYS A 40 5.56 2.08 25.34
CA CYS A 40 6.37 1.12 26.10
C CYS A 40 7.43 1.86 26.86
N ILE A 41 7.92 1.27 27.94
CA ILE A 41 8.94 1.91 28.76
C ILE A 41 9.75 0.88 29.58
N ASP A 42 10.93 1.29 30.04
CA ASP A 42 11.82 0.45 30.87
C ASP A 42 11.78 0.84 32.35
N ILE A 43 11.96 2.13 32.61
CA ILE A 43 11.86 2.68 33.95
C ILE A 43 10.74 3.74 33.99
N CYS A 44 10.02 3.80 35.10
CA CYS A 44 8.89 4.69 35.25
C CYS A 44 9.35 6.13 35.53
N PRO A 45 9.18 7.03 34.55
CA PRO A 45 9.65 8.41 34.72
C PRO A 45 8.92 9.11 35.85
N LYS A 46 9.65 9.94 36.59
CA LYS A 46 9.09 10.71 37.69
C LYS A 46 7.97 11.62 37.17
N SER A 47 6.88 11.70 37.92
CA SER A 47 5.81 12.67 37.67
C SER A 47 6.29 14.09 37.96
N SER A 48 5.59 15.09 37.42
CA SER A 48 6.02 16.47 37.57
C SER A 48 4.83 17.44 37.74
N ALA A 49 5.16 18.71 37.89
CA ALA A 49 4.18 19.77 38.04
C ALA A 49 3.15 19.76 36.90
N ASP A 50 3.61 19.72 35.66
CA ASP A 50 2.63 19.76 34.57
C ASP A 50 2.52 18.50 33.68
N VAL A 51 3.09 17.39 34.15
CA VAL A 51 3.02 16.11 33.46
C VAL A 51 2.79 14.98 34.46
N GLU A 52 1.70 14.24 34.26
CA GLU A 52 1.40 13.10 35.13
C GLU A 52 1.74 11.76 34.49
N VAL A 53 2.45 10.93 35.25
CA VAL A 53 2.90 9.61 34.78
C VAL A 53 2.14 8.48 35.47
N LEU A 54 1.38 7.71 34.69
CA LEU A 54 0.87 6.42 35.14
C LEU A 54 1.74 5.31 34.54
N CYS A 55 2.19 4.38 35.39
CA CYS A 55 3.05 3.27 34.96
C CYS A 55 2.51 2.01 35.56
N CYS A 56 2.44 0.99 34.72
CA CYS A 56 1.87 -0.29 35.08
C CYS A 56 2.69 -1.34 34.37
N ASP A 57 2.55 -2.60 34.77
CA ASP A 57 3.43 -3.65 34.28
C ASP A 57 2.75 -4.89 33.64
N THR A 58 1.57 -4.69 33.07
CA THR A 58 0.81 -5.78 32.40
C THR A 58 0.27 -5.29 31.08
N ASN A 59 0.05 -6.21 30.14
CA ASN A 59 -0.43 -5.89 28.79
C ASN A 59 -1.61 -4.96 28.73
N LYS A 60 -1.50 -3.98 27.83
CA LYS A 60 -2.52 -2.96 27.57
C LYS A 60 -3.08 -2.25 28.82
N CYS A 61 -2.31 -2.22 29.91
CA CYS A 61 -2.74 -1.63 31.19
C CYS A 61 -2.79 -0.10 31.22
N ASN A 62 -2.12 0.55 30.27
CA ASN A 62 -2.04 2.01 30.27
C ASN A 62 -3.28 2.71 29.68
N ARG B 1 -1.55 8.74 -2.50
CA ARG B 1 -1.88 9.47 -1.24
C ARG B 1 -2.55 10.83 -1.51
N LYS B 2 -2.05 11.54 -2.52
CA LYS B 2 -2.68 12.74 -3.04
C LYS B 2 -2.90 12.52 -4.53
N CYS B 3 -4.14 12.60 -5.01
CA CYS B 3 -4.42 12.33 -6.45
C CYS B 3 -5.27 13.38 -7.11
N LEU B 4 -4.95 13.73 -8.35
CA LEU B 4 -5.84 14.55 -9.18
C LEU B 4 -7.25 13.98 -9.16
N ASN B 5 -8.21 14.90 -9.19
CA ASN B 5 -9.53 14.62 -8.62
C ASN B 5 -10.68 14.73 -9.60
N THR B 6 -10.41 15.40 -10.72
CA THR B 6 -11.44 15.97 -11.55
C THR B 6 -10.96 15.83 -12.95
N PRO B 7 -11.80 16.22 -13.94
CA PRO B 7 -11.27 16.15 -15.32
C PRO B 7 -10.46 17.39 -15.65
N LEU B 8 -9.99 18.09 -14.61
CA LEU B 8 -9.24 19.33 -14.78
C LEU B 8 -7.81 19.18 -14.25
N PRO B 9 -6.88 20.06 -14.70
CA PRO B 9 -5.41 19.94 -14.56
C PRO B 9 -4.70 19.90 -13.20
N LEU B 10 -5.26 20.51 -12.16
CA LEU B 10 -4.46 20.67 -10.94
C LEU B 10 -5.12 20.27 -9.63
N ILE B 11 -6.45 20.35 -9.61
CA ILE B 11 -7.26 20.00 -8.45
C ILE B 11 -6.99 18.61 -7.89
N TYR B 12 -7.01 18.46 -6.56
CA TYR B 12 -6.69 17.18 -5.92
C TYR B 12 -7.24 17.03 -4.50
N THR B 13 -7.26 15.81 -3.98
CA THR B 13 -7.59 15.57 -2.56
C THR B 13 -6.57 14.65 -1.91
N THR B 14 -6.53 14.67 -0.58
CA THR B 14 -5.92 13.61 0.19
C THR B 14 -6.81 12.39 0.06
N CYS B 15 -6.19 11.30 -0.34
CA CYS B 15 -6.87 10.03 -0.41
C CYS B 15 -7.29 9.56 0.98
N PRO B 16 -8.44 8.88 1.07
CA PRO B 16 -8.77 8.31 2.37
C PRO B 16 -7.77 7.20 2.66
N ILE B 17 -7.58 6.87 3.93
CA ILE B 17 -6.61 5.87 4.33
C ILE B 17 -6.94 4.57 3.63
N GLY B 18 -5.92 3.90 3.12
CA GLY B 18 -6.13 2.61 2.46
C GLY B 18 -6.43 2.74 0.97
N GLN B 19 -6.48 3.97 0.48
CA GLN B 19 -6.56 4.25 -0.96
C GLN B 19 -5.25 4.89 -1.45
N ASP B 20 -4.30 4.02 -1.79
CA ASP B 20 -2.92 4.41 -1.99
C ASP B 20 -2.55 4.75 -3.45
N LYS B 21 -3.42 4.38 -4.37
CA LYS B 21 -3.15 4.51 -5.79
C LYS B 21 -4.01 5.61 -6.40
N CYS B 22 -3.63 6.04 -7.60
CA CYS B 22 -4.40 7.07 -8.28
C CYS B 22 -4.88 6.41 -9.55
N VAL B 23 -5.98 6.95 -10.09
CA VAL B 23 -6.48 6.44 -11.35
C VAL B 23 -6.90 7.55 -12.32
N LYS B 24 -6.67 7.31 -13.62
CA LYS B 24 -7.13 8.15 -14.73
C LYS B 24 -7.73 7.16 -15.67
N MET B 25 -9.06 7.23 -15.80
CA MET B 25 -9.84 6.35 -16.65
C MET B 25 -10.30 7.29 -17.76
N THR B 26 -10.20 6.85 -19.01
CA THR B 26 -10.73 7.65 -20.10
C THR B 26 -11.73 6.85 -20.95
N ILE B 27 -12.89 7.45 -21.25
CA ILE B 27 -13.99 6.74 -21.96
C ILE B 27 -14.83 7.55 -23.02
N LYS B 28 -15.45 6.81 -23.96
CA LYS B 28 -16.45 7.29 -24.98
C LYS B 28 -17.55 8.32 -24.59
N LYS B 29 -18.07 9.10 -25.55
CA LYS B 29 -17.55 9.26 -26.91
C LYS B 29 -16.63 10.50 -26.97
N LEU B 30 -16.49 11.18 -25.83
CA LEU B 30 -15.40 12.15 -25.63
C LEU B 30 -14.25 11.51 -24.85
N PRO B 31 -13.29 10.87 -25.56
CA PRO B 31 -12.14 10.33 -24.86
C PRO B 31 -11.16 11.44 -24.43
N SER B 32 -10.62 12.19 -25.40
CA SER B 32 -9.67 13.29 -25.18
C SER B 32 -8.55 12.98 -24.18
N VAL B 36 -10.95 12.27 -18.48
CA VAL B 36 -12.38 12.06 -18.28
C VAL B 36 -12.68 11.82 -16.79
N ILE B 37 -12.30 10.66 -16.22
CA ILE B 37 -12.36 10.51 -14.75
C ILE B 37 -11.01 10.31 -13.97
N ARG B 38 -10.81 11.14 -12.93
CA ARG B 38 -9.66 11.00 -12.03
C ARG B 38 -10.05 10.84 -10.56
N GLY B 39 -9.39 9.90 -9.85
CA GLY B 39 -9.58 9.81 -8.40
C GLY B 39 -8.58 8.96 -7.67
N CYS B 40 -8.77 8.79 -6.34
CA CYS B 40 -7.96 7.86 -5.54
C CYS B 40 -8.48 6.48 -5.74
N ILE B 41 -7.62 5.51 -5.50
CA ILE B 41 -8.01 4.13 -5.60
C ILE B 41 -7.25 3.19 -4.65
N ASP B 42 -7.92 2.11 -4.27
CA ASP B 42 -7.36 1.03 -3.46
C ASP B 42 -6.68 -0.02 -4.33
N ILE B 43 -7.38 -0.47 -5.37
CA ILE B 43 -6.90 -1.53 -6.26
C ILE B 43 -7.07 -1.09 -7.69
N CYS B 44 -6.00 -1.17 -8.48
CA CYS B 44 -6.08 -0.92 -9.91
C CYS B 44 -7.13 -1.84 -10.57
N PRO B 45 -8.25 -1.25 -11.06
CA PRO B 45 -9.32 -2.03 -11.69
C PRO B 45 -9.00 -2.39 -13.14
N LYS B 46 -9.71 -3.39 -13.65
CA LYS B 46 -9.40 -3.97 -14.96
C LYS B 46 -9.66 -3.00 -16.11
N SER B 47 -8.74 -2.93 -17.07
CA SER B 47 -8.98 -2.22 -18.32
C SER B 47 -10.06 -2.91 -19.19
N SER B 48 -10.64 -2.15 -20.10
CA SER B 48 -11.84 -2.56 -20.80
C SER B 48 -11.84 -2.12 -22.26
N ALA B 49 -12.80 -2.65 -23.02
CA ALA B 49 -12.99 -2.25 -24.41
C ALA B 49 -13.36 -0.77 -24.48
N ASP B 50 -14.27 -0.35 -23.62
CA ASP B 50 -14.77 1.01 -23.61
C ASP B 50 -13.93 1.93 -22.71
N VAL B 51 -13.18 1.33 -21.80
CA VAL B 51 -12.56 2.07 -20.71
C VAL B 51 -11.06 1.80 -20.57
N GLU B 52 -10.27 2.78 -20.95
CA GLU B 52 -8.86 2.70 -20.72
C GLU B 52 -8.53 3.28 -19.34
N VAL B 53 -7.88 2.48 -18.51
CA VAL B 53 -7.51 2.85 -17.12
C VAL B 53 -6.00 2.90 -16.90
N LEU B 54 -5.46 4.08 -16.59
CA LEU B 54 -4.08 4.16 -16.07
C LEU B 54 -4.08 4.24 -14.55
N CYS B 55 -3.36 3.32 -13.92
CA CYS B 55 -3.09 3.40 -12.48
C CYS B 55 -1.64 3.71 -12.23
N CYS B 56 -1.39 4.45 -11.16
CA CYS B 56 -0.06 4.78 -10.72
C CYS B 56 -0.03 4.95 -9.21
N ASP B 57 1.16 4.90 -8.63
CA ASP B 57 1.30 4.89 -7.18
C ASP B 57 2.06 6.09 -6.58
N THR B 58 2.11 7.20 -7.29
CA THR B 58 2.75 8.39 -6.73
C THR B 58 1.81 9.58 -6.72
N ASN B 59 2.20 10.59 -5.93
CA ASN B 59 1.41 11.78 -5.74
C ASN B 59 1.19 12.52 -7.04
N LYS B 60 -0.10 12.72 -7.34
CA LYS B 60 -0.56 13.50 -8.48
C LYS B 60 -0.14 12.93 -9.85
N CYS B 61 0.23 11.64 -9.83
CA CYS B 61 0.70 10.91 -11.03
C CYS B 61 -0.36 10.65 -12.10
N ASN B 62 -1.64 10.77 -11.75
CA ASN B 62 -2.73 10.49 -12.72
C ASN B 62 -3.07 11.63 -13.70
N ARG C 1 -5.82 -12.30 -11.13
CA ARG C 1 -6.40 -13.34 -10.19
C ARG C 1 -5.40 -14.49 -9.91
N LYS C 2 -4.97 -15.21 -10.95
CA LYS C 2 -3.83 -16.14 -10.85
C LYS C 2 -2.76 -15.85 -11.92
N CYS C 3 -1.50 -16.17 -11.64
CA CYS C 3 -0.44 -15.88 -12.60
C CYS C 3 0.64 -16.93 -12.51
N LEU C 4 1.35 -17.11 -13.63
CA LEU C 4 2.55 -17.95 -13.67
C LEU C 4 3.58 -17.22 -12.85
N ASN C 5 4.28 -18.00 -12.04
CA ASN C 5 4.84 -17.61 -10.77
C ASN C 5 6.34 -17.86 -10.77
N THR C 6 6.80 -18.66 -11.73
CA THR C 6 8.10 -19.28 -11.69
C THR C 6 8.65 -19.22 -13.12
N PRO C 7 9.92 -19.62 -13.34
CA PRO C 7 10.49 -19.70 -14.70
C PRO C 7 10.01 -20.90 -15.51
N LEU C 8 9.13 -21.70 -14.91
CA LEU C 8 8.55 -22.88 -15.55
C LEU C 8 7.10 -22.63 -16.03
N PRO C 9 6.58 -23.50 -16.94
CA PRO C 9 5.38 -23.40 -17.79
C PRO C 9 3.95 -23.53 -17.23
N LEU C 10 3.74 -24.01 -16.01
CA LEU C 10 2.34 -24.10 -15.53
C LEU C 10 2.13 -23.53 -14.11
N ILE C 11 3.16 -23.65 -13.26
CA ILE C 11 3.09 -23.24 -11.87
C ILE C 11 2.56 -21.82 -11.77
N TYR C 12 1.87 -21.56 -10.68
CA TYR C 12 1.03 -20.39 -10.55
C TYR C 12 0.63 -20.38 -9.09
N THR C 13 0.36 -19.18 -8.57
CA THR C 13 -0.25 -19.04 -7.26
C THR C 13 -1.31 -17.98 -7.35
N THR C 14 -2.23 -17.99 -6.40
CA THR C 14 -3.22 -16.93 -6.33
C THR C 14 -2.56 -15.68 -5.79
N CYS C 15 -2.85 -14.56 -6.44
CA CYS C 15 -2.21 -13.29 -6.15
C CYS C 15 -2.84 -12.72 -4.89
N PRO C 16 -2.03 -12.08 -4.01
CA PRO C 16 -2.61 -11.29 -2.92
C PRO C 16 -3.70 -10.38 -3.47
N ILE C 17 -4.53 -9.81 -2.60
CA ILE C 17 -5.48 -8.74 -2.94
C ILE C 17 -4.72 -7.45 -3.28
N GLY C 18 -5.23 -6.74 -4.28
CA GLY C 18 -4.59 -5.54 -4.83
C GLY C 18 -4.03 -5.83 -6.20
N GLN C 19 -3.74 -7.11 -6.44
CA GLN C 19 -2.90 -7.52 -7.56
C GLN C 19 -3.64 -8.40 -8.54
N ASP C 20 -4.30 -7.75 -9.49
CA ASP C 20 -5.14 -8.35 -10.53
C ASP C 20 -4.41 -8.45 -11.85
N LYS C 21 -3.13 -8.11 -11.85
CA LYS C 21 -2.37 -8.16 -13.08
C LYS C 21 -1.24 -9.16 -12.93
N CYS C 22 -0.81 -9.69 -14.07
CA CYS C 22 0.31 -10.60 -14.12
C CYS C 22 1.39 -9.95 -14.91
N VAL C 23 2.62 -10.48 -14.74
CA VAL C 23 3.80 -9.86 -15.35
C VAL C 23 4.88 -10.94 -15.64
N LYS C 24 5.56 -10.78 -16.78
CA LYS C 24 6.66 -11.58 -17.27
C LYS C 24 7.77 -10.56 -17.51
N MET C 25 8.85 -10.66 -16.75
CA MET C 25 9.98 -9.72 -16.90
C MET C 25 11.22 -10.46 -17.35
N THR C 26 11.91 -9.93 -18.36
CA THR C 26 13.07 -10.66 -18.89
C THR C 26 14.30 -9.76 -18.95
N ILE C 27 15.35 -10.19 -18.25
CA ILE C 27 16.51 -9.33 -17.93
C ILE C 27 17.80 -9.79 -18.63
N LYS C 28 18.87 -9.02 -18.47
CA LYS C 28 20.20 -9.44 -18.89
C LYS C 28 20.96 -9.87 -17.63
N LYS C 29 21.60 -11.04 -17.63
CA LYS C 29 21.75 -11.92 -18.79
C LYS C 29 20.83 -13.16 -18.78
N LEU C 30 19.58 -12.96 -19.22
CA LEU C 30 18.61 -14.03 -19.48
C LEU C 30 17.66 -13.59 -20.61
N PRO C 31 18.22 -13.18 -21.77
CA PRO C 31 17.44 -12.61 -22.88
C PRO C 31 16.75 -13.65 -23.77
N SER C 32 16.30 -13.20 -24.96
CA SER C 32 15.39 -13.94 -25.87
C SER C 32 14.24 -14.66 -25.15
N VAL C 36 12.26 -15.07 -17.38
CA VAL C 36 13.09 -15.14 -16.14
C VAL C 36 12.32 -14.89 -14.83
N ILE C 37 11.59 -13.78 -14.70
CA ILE C 37 10.82 -13.56 -13.47
C ILE C 37 9.39 -13.20 -13.80
N ARG C 38 8.47 -13.89 -13.14
CA ARG C 38 7.03 -13.92 -13.41
C ARG C 38 6.25 -13.96 -12.08
N GLY C 39 5.22 -13.13 -11.96
CA GLY C 39 4.27 -13.23 -10.86
C GLY C 39 3.20 -12.19 -11.01
N CYS C 40 2.50 -11.95 -9.90
CA CYS C 40 1.37 -11.05 -9.80
C CYS C 40 1.82 -9.61 -9.66
N ILE C 41 0.90 -8.67 -9.89
CA ILE C 41 1.22 -7.26 -9.81
C ILE C 41 0.01 -6.34 -9.76
N ASP C 42 0.19 -5.12 -9.30
CA ASP C 42 -0.91 -4.15 -9.22
C ASP C 42 -0.93 -3.22 -10.42
N ILE C 43 0.25 -2.74 -10.80
CA ILE C 43 0.38 -1.77 -11.88
C ILE C 43 1.48 -2.22 -12.83
N CYS C 44 1.22 -2.12 -14.12
CA CYS C 44 2.24 -2.44 -15.10
C CYS C 44 3.36 -1.41 -14.99
N PRO C 45 4.55 -1.86 -14.52
CA PRO C 45 5.77 -1.05 -14.49
C PRO C 45 6.40 -0.89 -15.87
N LYS C 46 6.99 0.27 -16.11
CA LYS C 46 7.69 0.56 -17.37
C LYS C 46 8.82 -0.43 -17.66
N SER C 47 9.03 -0.70 -18.94
CA SER C 47 10.23 -1.40 -19.41
C SER C 47 11.46 -0.50 -19.24
N SER C 48 12.62 -1.14 -19.15
CA SER C 48 13.91 -0.47 -18.97
C SER C 48 14.88 -0.97 -20.07
N ALA C 49 16.04 -0.31 -20.20
CA ALA C 49 17.01 -0.74 -21.20
C ALA C 49 17.27 -2.26 -21.19
N ASP C 50 17.34 -2.87 -19.99
CA ASP C 50 17.64 -4.30 -19.91
C ASP C 50 16.53 -5.18 -19.36
N VAL C 51 15.47 -4.53 -18.84
CA VAL C 51 14.27 -5.20 -18.38
C VAL C 51 13.06 -4.93 -19.28
N GLU C 52 12.71 -5.90 -20.11
CA GLU C 52 11.50 -5.82 -20.88
C GLU C 52 10.28 -6.33 -20.08
N VAL C 53 9.32 -5.44 -19.82
CA VAL C 53 8.21 -5.75 -18.95
C VAL C 53 6.93 -6.12 -19.74
N LEU C 54 6.56 -7.40 -19.71
CA LEU C 54 5.36 -7.87 -20.38
C LEU C 54 4.25 -8.00 -19.36
N CYS C 55 3.13 -7.34 -19.62
CA CYS C 55 1.94 -7.37 -18.75
C CYS C 55 0.68 -7.84 -19.47
N CYS C 56 -0.24 -8.40 -18.68
CA CYS C 56 -1.57 -8.80 -19.11
C CYS C 56 -2.49 -8.91 -17.87
N ASP C 57 -3.80 -8.99 -18.08
CA ASP C 57 -4.76 -9.00 -16.93
C ASP C 57 -5.77 -10.16 -16.88
N THR C 58 -5.39 -11.30 -17.44
CA THR C 58 -6.21 -12.51 -17.27
C THR C 58 -5.34 -13.64 -16.75
N ASN C 59 -5.94 -14.55 -16.01
CA ASN C 59 -5.22 -15.62 -15.36
C ASN C 59 -4.17 -16.36 -16.21
N LYS C 60 -2.99 -16.52 -15.59
CA LYS C 60 -1.93 -17.34 -16.15
C LYS C 60 -1.38 -16.85 -17.51
N CYS C 61 -1.82 -15.65 -17.93
CA CYS C 61 -1.53 -15.09 -19.27
C CYS C 61 -0.06 -14.75 -19.52
N ASN C 62 0.76 -14.80 -18.48
CA ASN C 62 2.14 -14.31 -18.55
C ASN C 62 3.04 -15.46 -18.85
#